data_1BB0
#
_entry.id   1BB0
#
_cell.length_a   71.140
_cell.length_b   72.260
_cell.length_c   72.730
_cell.angle_alpha   90.00
_cell.angle_beta   100.70
_cell.angle_gamma   90.00
#
_symmetry.space_group_name_H-M   'C 1 2 1'
#
loop_
_entity.id
_entity.type
_entity.pdbx_description
1 polymer THROMBIN
2 polymer THROMBIN
3 polymer HIRUGEN
4 non-polymer 'SODIUM ION'
5 non-polymer 2-{(3S)-3-[(benzylsulfonyl)amino]-2-oxopiperidin-1-yl}-N-{(2S)-1-[(3R)-1-carbamimidoylpiperidin-3-yl]-3-oxopropan-2-yl}acetamide
6 water water
#
loop_
_entity_poly.entity_id
_entity_poly.type
_entity_poly.pdbx_seq_one_letter_code
_entity_poly.pdbx_strand_id
1 'polypeptide(L)' TFGSGEADCGLRPLFEKKSLEDKTERELLESYIDGR A
2 'polypeptide(L)'
;IVEGSDAEIGMSPWQVMLFRKSPQELLCGASLISDRWVLTAAHCLLYPPWDKNFTENDLLVRIGKHSRTRYERNIEKISM
LEKIYIHPRYNWRENLDRDIALMKLKKPVAFSDYIHPVCLPDRETAASLLQAGYKGRVTGWGNLKETWTANVGKGQPSVL
QVVNLPIVERPVCKDSTRIRITDNMFCAGYKPDEGKRGDACEGDSGGPFVMKSPFNNRWYQMGIVSWGEGCDRDGKYGFY
THVFRLKKWIQKVIDQFGE
;
B
3 'polypeptide(L)' (ACE)DGDFEEIPEE(TYS)L C
#
loop_
_chem_comp.id
_chem_comp.type
_chem_comp.name
_chem_comp.formula
0IV peptide-like 2-{(3S)-3-[(benzylsulfonyl)amino]-2-oxopiperidin-1-yl}-N-{(2S)-1-[(3R)-1-carbamimidoylpiperidin-3-yl]-3-oxopropan-2-yl}acetamide 'C23 H34 N6 O5 S'
ACE non-polymer 'ACETYL GROUP' 'C2 H4 O'
NA non-polymer 'SODIUM ION' 'Na 1'
#
# COMPACT_ATOMS: atom_id res chain seq x y z
N ALA A 7 -1.03 -4.87 18.08
CA ALA A 7 -1.72 -5.31 19.31
C ALA A 7 -3.19 -5.47 18.93
N ASP A 8 -3.69 -4.30 18.58
CA ASP A 8 -5.05 -4.17 18.01
C ASP A 8 -4.94 -4.07 16.47
N CYS A 9 -3.73 -4.33 15.95
CA CYS A 9 -3.46 -4.25 14.51
C CYS A 9 -4.43 -5.08 13.69
N GLY A 10 -4.80 -4.54 12.54
CA GLY A 10 -5.63 -5.22 11.54
C GLY A 10 -7.04 -5.60 11.85
N LEU A 11 -7.59 -5.07 12.95
CA LEU A 11 -9.02 -5.31 13.31
C LEU A 11 -9.73 -3.96 13.17
N ARG A 12 -10.52 -3.86 12.11
CA ARG A 12 -11.15 -2.58 11.75
C ARG A 12 -12.32 -2.23 12.68
N PRO A 13 -12.32 -0.99 13.15
CA PRO A 13 -13.39 -0.53 14.05
C PRO A 13 -14.78 -0.68 13.47
N LEU A 14 -14.95 -0.52 12.16
CA LEU A 14 -16.26 -0.59 11.52
C LEU A 14 -16.61 -1.92 10.92
N PHE A 15 -15.69 -2.87 11.01
CA PHE A 15 -16.00 -4.18 10.39
C PHE A 15 -15.75 -5.25 11.45
N GLU A 16 -14.52 -5.73 11.61
CA GLU A 16 -14.12 -6.77 12.54
C GLU A 16 -14.59 -6.53 13.97
N LYS A 17 -14.40 -5.35 14.49
CA LYS A 17 -14.80 -4.98 15.86
C LYS A 17 -16.31 -5.01 16.11
N LYS A 18 -17.13 -5.04 15.08
CA LYS A 18 -18.57 -4.97 15.11
C LYS A 18 -19.16 -6.22 14.49
N SER A 19 -18.25 -7.02 14.01
CA SER A 19 -18.58 -8.27 13.29
C SER A 19 -19.37 -8.01 12.02
N LEU A 20 -18.97 -6.96 11.29
CA LEU A 20 -19.59 -6.70 9.97
C LEU A 20 -18.50 -7.00 8.91
N GLU A 21 -18.93 -7.51 7.79
CA GLU A 21 -18.09 -7.84 6.65
C GLU A 21 -18.18 -6.74 5.58
N ASP A 22 -17.06 -6.48 4.92
CA ASP A 22 -17.04 -5.53 3.79
C ASP A 22 -17.60 -6.31 2.60
N LYS A 23 -17.98 -5.59 1.55
CA LYS A 23 -18.70 -6.23 0.45
C LYS A 23 -17.87 -7.16 -0.41
N THR A 24 -16.57 -7.24 -0.28
CA THR A 24 -15.89 -8.25 -1.15
C THR A 24 -14.86 -9.07 -0.39
N GLU A 25 -14.87 -8.98 0.93
CA GLU A 25 -13.83 -9.72 1.67
C GLU A 25 -14.06 -11.21 1.49
N ARG A 26 -15.24 -11.75 1.30
CA ARG A 26 -15.45 -13.18 1.08
C ARG A 26 -14.67 -13.69 -0.13
N GLU A 27 -14.47 -12.81 -1.10
CA GLU A 27 -13.74 -13.18 -2.33
C GLU A 27 -12.31 -13.52 -1.95
N LEU A 28 -11.70 -12.81 -1.03
CA LEU A 28 -10.38 -13.16 -0.49
C LEU A 28 -10.43 -14.52 0.22
N LEU A 29 -11.27 -14.61 1.24
CA LEU A 29 -11.35 -15.84 2.05
C LEU A 29 -11.64 -17.06 1.21
N GLU A 30 -12.47 -16.89 0.20
CA GLU A 30 -12.88 -17.98 -0.69
C GLU A 30 -11.73 -18.49 -1.55
N SER A 31 -10.71 -17.68 -1.71
CA SER A 31 -9.56 -18.07 -2.54
C SER A 31 -8.55 -18.84 -1.68
N TYR A 32 -8.65 -18.73 -0.38
CA TYR A 32 -7.67 -19.43 0.48
C TYR A 32 -7.96 -20.91 0.68
N ILE B 1 -6.04 2.81 -9.54
CA ILE B 1 -6.50 1.44 -9.59
C ILE B 1 -7.33 1.33 -10.89
N VAL B 2 -7.18 0.27 -11.64
CA VAL B 2 -7.91 0.05 -12.88
C VAL B 2 -8.91 -1.09 -12.67
N GLU B 3 -10.15 -0.85 -13.02
CA GLU B 3 -11.22 -1.85 -12.90
C GLU B 3 -11.52 -2.22 -11.45
N GLY B 4 -11.35 -1.27 -10.53
CA GLY B 4 -11.67 -1.48 -9.12
C GLY B 4 -13.06 -0.90 -8.85
N SER B 5 -13.36 -0.58 -7.60
CA SER B 5 -14.64 0.04 -7.23
C SER B 5 -14.33 0.89 -6.01
N ASP B 6 -15.30 1.70 -5.70
CA ASP B 6 -15.14 2.68 -4.60
C ASP B 6 -15.00 1.89 -3.31
N ALA B 7 -14.14 2.39 -2.46
CA ALA B 7 -13.99 1.74 -1.15
C ALA B 7 -15.21 2.17 -0.30
N GLU B 8 -15.52 1.29 0.63
CA GLU B 8 -16.49 1.53 1.69
C GLU B 8 -15.82 2.39 2.77
N ILE B 9 -16.65 3.21 3.41
CA ILE B 9 -16.10 4.02 4.49
C ILE B 9 -15.53 3.04 5.55
N GLY B 10 -14.39 3.42 6.05
CA GLY B 10 -13.52 2.73 7.00
C GLY B 10 -13.04 1.35 6.56
N MET B 11 -13.11 1.04 5.27
CA MET B 11 -12.69 -0.27 4.76
C MET B 11 -11.19 -0.50 4.81
N SER B 12 -10.37 0.51 4.85
CA SER B 12 -8.90 0.42 4.78
C SER B 12 -8.30 1.53 5.60
N PRO B 13 -8.47 1.40 6.91
CA PRO B 13 -8.16 2.48 7.83
C PRO B 13 -6.68 2.73 8.03
N TRP B 14 -5.87 1.85 7.45
CA TRP B 14 -4.40 2.03 7.50
C TRP B 14 -3.95 2.75 6.23
N GLN B 15 -4.83 3.04 5.30
CA GLN B 15 -4.48 3.72 4.04
C GLN B 15 -4.08 5.17 4.31
N VAL B 16 -2.89 5.53 3.88
CA VAL B 16 -2.29 6.85 4.01
C VAL B 16 -2.03 7.50 2.64
N MET B 17 -2.13 8.82 2.54
CA MET B 17 -1.88 9.60 1.32
C MET B 17 -0.58 10.39 1.51
N LEU B 18 0.34 10.19 0.59
CA LEU B 18 1.63 10.94 0.61
C LEU B 18 1.33 12.19 -0.21
N PHE B 19 1.36 13.30 0.48
CA PHE B 19 0.91 14.57 -0.12
C PHE B 19 2.05 15.58 -0.15
N ARG B 20 2.22 16.09 -1.36
CA ARG B 20 3.26 17.11 -1.59
C ARG B 20 2.71 18.49 -1.22
N LYS B 21 3.45 19.17 -0.36
CA LYS B 21 3.07 20.52 0.07
C LYS B 21 3.36 21.48 -1.13
N PRO B 23 4.30 22.02 -5.38
CA PRO B 23 2.84 22.14 -5.56
C PRO B 23 2.21 21.15 -4.58
N GLN B 24 0.93 21.26 -4.30
CA GLN B 24 0.30 20.38 -3.26
C GLN B 24 -0.27 19.28 -4.14
N GLU B 25 0.36 18.14 -4.22
CA GLU B 25 -0.13 17.06 -5.09
C GLU B 25 0.02 15.68 -4.45
N LEU B 26 -0.79 14.73 -4.90
CA LEU B 26 -0.71 13.36 -4.42
C LEU B 26 0.53 12.68 -5.01
N LEU B 27 1.50 12.36 -4.18
CA LEU B 27 2.71 11.59 -4.52
C LEU B 27 2.44 10.08 -4.59
N CYS B 28 1.80 9.42 -3.63
CA CYS B 28 1.68 7.94 -3.58
C CYS B 28 0.80 7.54 -2.39
N GLY B 29 0.47 6.28 -2.19
CA GLY B 29 -0.21 5.86 -0.95
C GLY B 29 0.93 5.58 0.04
N ALA B 30 0.56 4.96 1.14
CA ALA B 30 1.45 4.58 2.24
C ALA B 30 0.52 3.82 3.20
N SER B 31 1.09 3.23 4.25
CA SER B 31 0.25 2.49 5.19
C SER B 31 0.73 2.74 6.62
N LEU B 32 -0.24 2.74 7.52
CA LEU B 32 0.03 3.04 8.95
C LEU B 32 0.25 1.70 9.66
N ILE B 33 1.40 1.54 10.26
CA ILE B 33 1.74 0.27 10.92
C ILE B 33 1.83 0.46 12.45
N SER B 34 1.83 1.68 12.93
CA SER B 34 1.76 1.99 14.35
C SER B 34 1.26 3.42 14.47
N ASP B 35 1.29 3.96 15.68
CA ASP B 35 0.79 5.33 15.88
C ASP B 35 1.80 6.34 15.37
N ARG B 36 3.02 5.87 15.18
CA ARG B 36 4.08 6.79 14.74
C ARG B 36 4.78 6.39 13.45
N TRP B 37 4.45 5.30 12.78
CA TRP B 37 5.24 4.80 11.66
C TRP B 37 4.40 4.57 10.40
N VAL B 38 4.94 5.09 9.29
CA VAL B 38 4.25 4.83 8.00
C VAL B 38 5.13 3.98 7.10
N LEU B 39 4.59 3.05 6.34
CA LEU B 39 5.39 2.25 5.41
C LEU B 39 5.09 2.73 3.97
N THR B 40 6.07 2.86 3.11
CA THR B 40 5.83 3.21 1.70
C THR B 40 6.92 2.62 0.79
N ALA B 41 6.86 2.91 -0.50
CA ALA B 41 7.82 2.49 -1.55
C ALA B 41 8.96 3.50 -1.58
N ALA B 42 10.21 3.05 -1.57
CA ALA B 42 11.35 4.00 -1.59
C ALA B 42 11.31 4.93 -2.81
N HIS B 43 10.80 4.41 -3.90
CA HIS B 43 10.85 5.18 -5.15
C HIS B 43 9.90 6.37 -5.11
N CYS B 44 8.94 6.32 -4.20
CA CYS B 44 8.02 7.44 -3.94
C CYS B 44 8.81 8.65 -3.47
N LEU B 45 9.92 8.39 -2.82
CA LEU B 45 10.76 9.47 -2.30
C LEU B 45 12.01 9.78 -3.11
N LEU B 46 12.58 8.72 -3.67
CA LEU B 46 13.91 8.87 -4.29
C LEU B 46 13.97 8.04 -5.57
N TYR B 47 14.14 8.79 -6.64
CA TYR B 47 14.26 8.18 -7.98
C TYR B 47 15.10 9.14 -8.85
N PRO B 48 16.41 9.02 -8.68
CA PRO B 48 17.38 9.89 -9.37
C PRO B 48 17.22 10.02 -10.87
N PRO B 49 16.90 8.99 -11.62
CA PRO B 49 16.63 9.12 -13.04
C PRO B 49 15.58 10.18 -13.36
N TRP B 50 14.63 10.39 -12.47
CA TRP B 50 13.53 11.33 -12.71
C TRP B 50 13.77 12.61 -11.91
N ASP B 51 14.95 12.70 -11.34
CA ASP B 51 15.31 13.84 -10.49
C ASP B 51 14.37 13.99 -9.29
N LYS B 52 13.93 12.90 -8.72
CA LYS B 52 13.06 12.87 -7.52
C LYS B 52 13.85 12.52 -6.27
N ASN B 53 13.99 13.43 -5.32
CA ASN B 53 14.66 13.21 -4.04
C ASN B 53 13.93 14.01 -2.96
N PHE B 54 12.79 13.53 -2.53
CA PHE B 54 12.01 14.22 -1.49
C PHE B 54 12.65 14.04 -0.11
N THR B 55 12.57 15.12 0.64
CA THR B 55 13.03 15.38 2.01
C THR B 55 11.89 15.46 3.02
N GLU B 56 12.18 15.42 4.31
CA GLU B 56 11.11 15.43 5.33
C GLU B 56 10.19 16.64 5.19
N ASN B 57 10.80 17.80 4.97
CA ASN B 57 10.05 19.06 4.92
C ASN B 57 9.29 19.30 3.64
N ASP B 58 9.38 18.43 2.64
CA ASP B 58 8.66 18.57 1.36
C ASP B 58 7.27 17.96 1.39
N LEU B 59 7.12 17.03 2.33
CA LEU B 59 5.90 16.21 2.37
C LEU B 59 5.01 16.39 3.61
N LEU B 60 3.82 15.90 3.38
CA LEU B 60 2.78 15.78 4.41
C LEU B 60 2.16 14.39 4.21
N VAL B 61 1.88 13.78 5.32
CA VAL B 61 1.14 12.51 5.43
C VAL B 61 -0.30 12.81 5.87
N ARG B 62 -1.25 12.30 5.15
CA ARG B 62 -2.68 12.45 5.39
C ARG B 62 -3.31 11.08 5.67
N ILE B 63 -3.89 10.95 6.85
CA ILE B 63 -4.52 9.69 7.30
C ILE B 63 -6.01 9.74 7.61
N GLY B 64 -6.80 8.72 7.34
CA GLY B 64 -8.24 8.64 7.61
C GLY B 64 -9.08 9.19 6.46
N LYS B 65 -8.43 9.37 5.31
CA LYS B 65 -9.06 9.93 4.12
C LYS B 65 -9.90 8.91 3.38
N HIS B 66 -10.83 9.52 2.63
CA HIS B 66 -11.74 8.73 1.77
C HIS B 66 -11.74 9.36 0.37
N SER B 67 -12.02 10.64 0.39
CA SER B 67 -12.09 11.47 -0.83
C SER B 67 -10.65 11.80 -1.25
N ARG B 68 -10.34 11.79 -2.54
CA ARG B 68 -8.99 12.19 -3.00
C ARG B 68 -8.63 13.65 -2.76
N THR B 69 -9.51 14.60 -3.06
CA THR B 69 -9.23 16.05 -2.94
C THR B 69 -9.83 16.91 -1.85
N ARG B 70 -10.93 16.51 -1.25
CA ARG B 70 -11.54 17.37 -0.20
C ARG B 70 -10.67 17.26 1.05
N TYR B 71 -10.60 18.29 1.84
CA TYR B 71 -9.94 18.26 3.17
C TYR B 71 -11.12 17.80 4.07
N GLU B 72 -11.04 16.58 4.58
CA GLU B 72 -12.16 15.90 5.28
C GLU B 72 -12.17 16.27 6.74
N ARG B 73 -12.62 17.47 7.01
CA ARG B 73 -12.71 18.18 8.29
C ARG B 73 -13.30 17.22 9.35
N ASN B 74 -12.56 17.13 10.45
CA ASN B 74 -12.98 16.25 11.57
C ASN B 74 -12.73 14.76 11.33
N ILE B 75 -12.26 14.35 10.17
CA ILE B 75 -12.06 12.94 9.83
C ILE B 75 -10.58 12.63 9.60
N GLU B 76 -9.99 13.33 8.63
CA GLU B 76 -8.56 13.07 8.38
C GLU B 76 -7.66 13.83 9.34
N LYS B 77 -6.49 13.28 9.51
CA LYS B 77 -5.41 13.86 10.30
C LYS B 77 -4.19 13.97 9.36
N ILE B 78 -3.53 15.10 9.41
CA ILE B 78 -2.39 15.45 8.56
C ILE B 78 -1.14 15.52 9.43
N SER B 79 -0.11 14.71 9.23
CA SER B 79 1.07 14.80 10.12
C SER B 79 2.27 15.30 9.30
N MET B 80 3.26 15.72 10.07
CA MET B 80 4.53 16.21 9.55
C MET B 80 5.47 15.02 9.81
N LEU B 81 6.43 14.89 8.90
CA LEU B 81 7.38 13.77 9.07
C LEU B 81 8.51 14.20 9.98
N GLU B 82 8.96 13.28 10.81
CA GLU B 82 10.17 13.59 11.58
C GLU B 82 11.43 13.11 10.88
N LYS B 83 11.34 11.97 10.20
CA LYS B 83 12.52 11.32 9.59
C LYS B 83 12.10 10.29 8.57
N ILE B 84 12.88 10.21 7.50
CA ILE B 84 12.70 9.23 6.43
C ILE B 84 13.88 8.25 6.46
N TYR B 85 13.52 6.99 6.32
CA TYR B 85 14.45 5.87 6.21
C TYR B 85 14.19 5.10 4.92
N ILE B 86 15.23 5.09 4.11
CA ILE B 86 15.18 4.29 2.85
C ILE B 86 15.99 3.01 3.02
N HIS B 87 15.57 1.88 2.50
CA HIS B 87 16.41 0.68 2.60
C HIS B 87 17.79 0.96 1.98
N PRO B 88 18.83 0.72 2.77
CA PRO B 88 20.20 0.99 2.34
C PRO B 88 20.52 0.29 1.02
N ARG B 89 19.83 -0.80 0.73
CA ARG B 89 20.15 -1.50 -0.53
C ARG B 89 19.05 -1.39 -1.58
N TYR B 90 18.23 -0.35 -1.43
CA TYR B 90 17.18 -0.11 -2.46
C TYR B 90 17.91 -0.04 -3.81
N ASN B 91 17.48 -0.73 -4.85
CA ASN B 91 18.18 -0.60 -6.16
C ASN B 91 17.39 0.19 -7.21
N TRP B 92 17.61 1.50 -7.22
CA TRP B 92 16.95 2.43 -8.13
C TRP B 92 17.63 2.48 -9.52
N ARG B 93 18.85 1.95 -9.55
CA ARG B 93 19.62 1.88 -10.80
C ARG B 93 19.14 0.76 -11.72
N GLU B 94 18.46 -0.23 -11.19
CA GLU B 94 18.10 -1.30 -12.14
C GLU B 94 16.67 -1.76 -12.03
N ASN B 95 16.28 -2.39 -10.92
CA ASN B 95 14.94 -2.99 -10.91
C ASN B 95 14.05 -2.57 -9.74
N LEU B 96 14.41 -1.60 -8.94
CA LEU B 96 13.63 -1.19 -7.76
C LEU B 96 13.57 -2.33 -6.72
N ASP B 97 14.65 -3.06 -6.63
CA ASP B 97 14.82 -4.15 -5.65
C ASP B 97 14.90 -3.49 -4.26
N ARG B 98 14.11 -4.06 -3.35
CA ARG B 98 14.05 -3.51 -1.97
C ARG B 98 13.39 -2.12 -1.94
N ASP B 99 12.29 -2.00 -2.67
CA ASP B 99 11.50 -0.75 -2.85
C ASP B 99 10.65 -0.48 -1.59
N ILE B 100 11.34 0.04 -0.56
CA ILE B 100 10.69 0.17 0.76
C ILE B 100 11.34 1.29 1.55
N ALA B 101 10.53 2.03 2.30
CA ALA B 101 10.97 3.12 3.17
C ALA B 101 10.00 3.16 4.38
N LEU B 102 10.49 3.70 5.47
CA LEU B 102 9.77 3.98 6.71
C LEU B 102 9.79 5.50 6.93
N MET B 103 8.67 6.06 7.34
CA MET B 103 8.58 7.48 7.67
C MET B 103 8.11 7.58 9.14
N LYS B 104 8.92 8.20 9.97
CA LYS B 104 8.49 8.36 11.38
C LYS B 104 7.87 9.75 11.54
N LEU B 105 6.62 9.68 12.01
CA LEU B 105 5.80 10.89 12.22
C LEU B 105 6.34 11.71 13.39
N LYS B 106 6.16 13.01 13.23
CA LYS B 106 6.54 14.05 14.20
C LYS B 106 5.85 13.82 15.52
N LYS B 107 4.68 13.19 15.52
CA LYS B 107 3.87 12.85 16.69
C LYS B 107 2.92 11.69 16.36
N PRO B 108 2.77 10.85 17.36
CA PRO B 108 1.87 9.70 17.28
C PRO B 108 0.48 10.22 16.92
N VAL B 109 -0.19 9.54 16.02
CA VAL B 109 -1.54 9.85 15.57
C VAL B 109 -2.47 9.10 16.54
N ALA B 110 -3.71 9.53 16.51
CA ALA B 110 -4.73 8.93 17.37
C ALA B 110 -5.67 8.12 16.48
N PHE B 111 -5.89 6.91 16.94
CA PHE B 111 -6.79 5.94 16.29
C PHE B 111 -8.22 6.44 16.34
N SER B 112 -9.02 5.91 15.44
CA SER B 112 -10.41 6.42 15.37
C SER B 112 -11.08 5.37 14.50
N ASP B 113 -12.35 5.60 14.21
CA ASP B 113 -13.07 4.67 13.35
C ASP B 113 -12.42 4.59 11.96
N TYR B 114 -11.67 5.61 11.58
CA TYR B 114 -11.16 5.73 10.21
C TYR B 114 -9.65 5.58 10.01
N ILE B 115 -8.97 5.56 11.11
CA ILE B 115 -7.53 5.47 11.32
C ILE B 115 -7.19 4.30 12.25
N HIS B 116 -6.58 3.26 11.74
CA HIS B 116 -6.19 2.06 12.52
C HIS B 116 -5.02 1.40 11.80
N PRO B 117 -4.02 0.87 12.48
CA PRO B 117 -2.87 0.25 11.83
C PRO B 117 -3.14 -1.17 11.32
N VAL B 118 -2.42 -1.52 10.28
CA VAL B 118 -2.48 -2.87 9.70
C VAL B 118 -1.40 -3.67 10.45
N CYS B 119 -1.46 -4.99 10.45
CA CYS B 119 -0.40 -5.82 11.02
C CYS B 119 0.69 -6.07 9.97
N LEU B 120 1.88 -6.39 10.44
CA LEU B 120 3.03 -6.86 9.63
C LEU B 120 3.07 -8.38 9.83
N PRO B 121 3.29 -9.11 8.75
CA PRO B 121 3.24 -10.57 8.79
C PRO B 121 4.40 -11.14 9.61
N ASP B 122 4.09 -12.31 10.13
CA ASP B 122 5.06 -13.19 10.79
C ASP B 122 5.37 -14.26 9.72
N ARG B 123 6.52 -14.91 9.89
CA ARG B 123 6.91 -15.91 8.90
C ARG B 123 5.81 -16.91 8.58
N GLU B 124 5.06 -17.33 9.56
CA GLU B 124 4.01 -18.33 9.39
C GLU B 124 2.75 -17.76 8.74
N THR B 125 2.45 -16.49 9.01
CA THR B 125 1.29 -15.91 8.30
C THR B 125 1.68 -15.86 6.80
N ALA B 126 2.88 -15.37 6.56
CA ALA B 126 3.49 -15.24 5.24
C ALA B 126 3.54 -16.58 4.53
N ALA B 127 4.00 -17.60 5.27
CA ALA B 127 4.08 -18.94 4.69
C ALA B 127 2.75 -19.43 4.19
N SER B 128 1.69 -19.34 4.97
CA SER B 128 0.41 -19.86 4.47
C SER B 128 -0.36 -18.96 3.53
N LEU B 129 -0.14 -17.66 3.53
CA LEU B 129 -0.99 -16.81 2.69
C LEU B 129 -0.34 -16.48 1.34
N LEU B 130 0.97 -16.34 1.35
CA LEU B 130 1.67 -15.94 0.10
C LEU B 130 1.78 -17.15 -0.81
N GLN B 131 0.66 -17.48 -1.42
CA GLN B 131 0.47 -18.63 -2.29
C GLN B 131 -0.16 -18.21 -3.62
N ALA B 132 0.29 -18.78 -4.74
CA ALA B 132 -0.27 -18.44 -6.07
C ALA B 132 -1.76 -18.68 -6.08
N GLY B 133 -2.53 -17.76 -6.61
CA GLY B 133 -3.99 -17.95 -6.65
C GLY B 133 -4.75 -17.38 -5.45
N TYR B 134 -4.10 -17.20 -4.32
CA TYR B 134 -4.74 -16.54 -3.16
C TYR B 134 -4.80 -15.07 -3.56
N LYS B 135 -5.91 -14.47 -3.17
CA LYS B 135 -6.14 -13.05 -3.46
C LYS B 135 -5.80 -12.15 -2.28
N GLY B 136 -5.30 -11.01 -2.64
CA GLY B 136 -4.97 -9.86 -1.81
C GLY B 136 -5.78 -8.66 -2.35
N ARG B 137 -5.63 -7.55 -1.66
CA ARG B 137 -6.46 -6.37 -1.95
C ARG B 137 -5.49 -5.23 -2.10
N VAL B 138 -5.69 -4.40 -3.13
CA VAL B 138 -4.85 -3.19 -3.27
C VAL B 138 -5.77 -1.96 -3.20
N THR B 139 -5.25 -0.87 -2.66
CA THR B 139 -6.07 0.34 -2.57
C THR B 139 -5.28 1.57 -2.97
N GLY B 140 -6.00 2.53 -3.53
CA GLY B 140 -5.32 3.80 -3.84
C GLY B 140 -6.29 4.72 -4.60
N TRP B 141 -5.74 5.87 -4.80
CA TRP B 141 -6.38 7.03 -5.44
C TRP B 141 -5.74 7.37 -6.79
N GLY B 142 -4.95 6.43 -7.31
CA GLY B 142 -4.18 6.63 -8.52
C GLY B 142 -5.11 6.56 -9.73
N ASN B 143 -4.45 6.67 -10.88
CA ASN B 143 -5.16 6.61 -12.15
C ASN B 143 -6.05 5.36 -12.20
N LEU B 144 -7.12 5.64 -12.92
CA LEU B 144 -8.19 4.70 -13.27
C LEU B 144 -7.86 4.04 -14.62
N LYS B 145 -7.01 4.74 -15.34
CA LYS B 145 -6.73 4.27 -16.72
C LYS B 145 -5.26 4.51 -17.01
N GLU B 146 -4.70 3.61 -17.78
CA GLU B 146 -3.30 3.83 -18.20
C GLU B 146 -3.18 5.23 -18.82
N GLY B 155 -10.19 9.08 -15.22
CA GLY B 155 -8.83 9.58 -15.06
C GLY B 155 -8.36 9.35 -13.63
N GLN B 156 -9.00 10.06 -12.73
CA GLN B 156 -8.72 10.00 -11.29
C GLN B 156 -10.08 9.91 -10.59
N PRO B 157 -10.06 9.04 -9.59
CA PRO B 157 -11.29 8.69 -8.86
C PRO B 157 -11.67 9.86 -7.96
N SER B 158 -12.89 9.85 -7.47
CA SER B 158 -13.22 10.92 -6.49
C SER B 158 -12.94 10.38 -5.07
N VAL B 159 -13.09 9.08 -4.95
CA VAL B 159 -12.88 8.38 -3.66
C VAL B 159 -11.89 7.22 -3.83
N LEU B 160 -11.41 6.72 -2.68
CA LEU B 160 -10.52 5.57 -2.62
C LEU B 160 -11.08 4.38 -3.39
N GLN B 161 -10.19 3.76 -4.18
CA GLN B 161 -10.59 2.59 -4.99
C GLN B 161 -9.95 1.36 -4.34
N VAL B 162 -10.54 0.23 -4.60
CA VAL B 162 -10.11 -1.06 -4.04
C VAL B 162 -10.13 -2.06 -5.18
N VAL B 163 -9.25 -3.04 -5.21
CA VAL B 163 -9.37 -4.14 -6.19
C VAL B 163 -8.76 -5.36 -5.50
N ASN B 164 -9.31 -6.51 -5.63
CA ASN B 164 -8.88 -7.85 -5.16
C ASN B 164 -8.16 -8.54 -6.34
N LEU B 165 -6.97 -9.02 -6.15
CA LEU B 165 -6.11 -9.61 -7.19
C LEU B 165 -5.39 -10.87 -6.68
N PRO B 166 -5.27 -11.82 -7.59
CA PRO B 166 -4.64 -13.10 -7.29
C PRO B 166 -3.12 -13.09 -7.42
N ILE B 167 -2.44 -13.71 -6.48
CA ILE B 167 -0.99 -13.84 -6.56
C ILE B 167 -0.72 -14.83 -7.70
N VAL B 168 0.27 -14.52 -8.52
CA VAL B 168 0.63 -15.40 -9.66
C VAL B 168 1.97 -16.07 -9.39
N GLU B 169 2.17 -17.27 -9.85
CA GLU B 169 3.34 -18.17 -9.76
C GLU B 169 4.57 -17.43 -10.27
N ARG B 170 5.71 -17.49 -9.63
CA ARG B 170 6.95 -16.78 -9.93
C ARG B 170 7.44 -16.86 -11.39
N PRO B 171 7.45 -18.04 -11.99
CA PRO B 171 7.81 -18.26 -13.38
C PRO B 171 7.01 -17.42 -14.36
N VAL B 172 5.72 -17.39 -14.13
CA VAL B 172 4.76 -16.62 -14.91
C VAL B 172 5.15 -15.15 -14.76
N CYS B 173 5.43 -14.73 -13.52
CA CYS B 173 5.87 -13.35 -13.29
C CYS B 173 7.10 -13.02 -14.15
N LYS B 174 8.10 -13.87 -14.00
CA LYS B 174 9.43 -13.74 -14.64
C LYS B 174 9.29 -13.65 -16.16
N ASP B 175 8.49 -14.55 -16.71
CA ASP B 175 8.31 -14.63 -18.17
C ASP B 175 7.46 -13.53 -18.79
N SER B 176 6.93 -12.61 -18.02
CA SER B 176 6.05 -11.56 -18.53
C SER B 176 6.87 -10.29 -18.78
N THR B 177 8.10 -10.28 -18.31
CA THR B 177 8.88 -9.02 -18.44
C THR B 177 10.33 -9.29 -18.77
N ARG B 178 11.01 -8.22 -19.12
CA ARG B 178 12.45 -8.21 -19.41
C ARG B 178 13.18 -7.81 -18.11
N ILE B 179 12.50 -7.23 -17.16
CA ILE B 179 13.17 -6.79 -15.92
C ILE B 179 13.55 -8.04 -15.13
N ARG B 180 14.73 -8.04 -14.55
CA ARG B 180 15.08 -9.17 -13.65
C ARG B 180 14.41 -8.94 -12.27
N ILE B 181 13.63 -9.90 -11.88
CA ILE B 181 12.77 -10.19 -10.72
C ILE B 181 13.60 -10.74 -9.58
N THR B 182 13.41 -10.27 -8.36
CA THR B 182 14.18 -10.68 -7.19
C THR B 182 13.23 -11.41 -6.24
N ASP B 183 13.83 -12.08 -5.28
CA ASP B 183 13.15 -12.71 -4.16
C ASP B 183 12.42 -11.63 -3.33
N ASN B 184 12.82 -10.39 -3.40
CA ASN B 184 12.14 -9.30 -2.71
C ASN B 184 10.93 -8.79 -3.47
N MET B 185 10.38 -9.52 -4.42
CA MET B 185 9.23 -9.01 -5.20
C MET B 185 8.25 -10.15 -5.38
N PHE B 186 7.01 -9.85 -5.59
CA PHE B 186 6.03 -10.87 -6.00
C PHE B 186 5.19 -10.10 -7.03
N CYS B 187 4.45 -10.79 -7.87
CA CYS B 187 3.57 -10.08 -8.84
C CYS B 187 2.17 -10.63 -8.61
N ALA B 188 1.18 -9.87 -9.00
CA ALA B 188 -0.25 -10.22 -8.87
C ALA B 188 -1.10 -9.64 -10.01
N GLY B 189 -2.18 -10.33 -10.34
CA GLY B 189 -3.11 -10.01 -11.40
C GLY B 189 -3.73 -11.27 -11.97
N TYR B 190 -4.79 -11.04 -12.74
CA TYR B 190 -5.47 -12.12 -13.46
C TYR B 190 -4.66 -12.34 -14.74
N LYS B 191 -4.70 -13.55 -15.24
CA LYS B 191 -4.09 -13.96 -16.53
C LYS B 191 -5.10 -13.71 -17.64
N PRO B 192 -4.64 -13.45 -18.87
CA PRO B 192 -5.52 -13.09 -19.99
C PRO B 192 -6.75 -13.95 -20.17
N ASP B 193 -6.54 -15.19 -19.83
CA ASP B 193 -7.56 -16.23 -19.85
C ASP B 193 -8.63 -16.01 -18.78
N GLU B 194 -8.27 -15.40 -17.65
CA GLU B 194 -9.16 -15.28 -16.50
C GLU B 194 -10.40 -14.44 -16.64
N GLY B 195 -10.46 -13.58 -17.63
CA GLY B 195 -11.67 -12.78 -17.85
C GLY B 195 -12.17 -12.00 -16.66
N LYS B 196 -11.20 -11.53 -15.90
CA LYS B 196 -11.34 -10.63 -14.76
C LYS B 196 -10.05 -9.81 -14.93
N ARG B 197 -10.18 -8.53 -14.80
CA ARG B 197 -9.11 -7.53 -14.89
C ARG B 197 -8.82 -6.88 -13.54
N GLY B 198 -7.92 -5.92 -13.57
CA GLY B 198 -7.60 -5.07 -12.44
C GLY B 198 -6.11 -4.90 -12.28
N ASP B 199 -5.74 -3.75 -11.75
CA ASP B 199 -4.31 -3.48 -11.55
C ASP B 199 -4.21 -2.13 -10.83
N ALA B 200 -3.04 -1.91 -10.27
CA ALA B 200 -2.71 -0.62 -9.65
C ALA B 200 -2.35 0.23 -10.89
N CYS B 201 -2.12 1.51 -10.69
CA CYS B 201 -1.76 2.36 -11.85
C CYS B 201 -0.95 3.50 -11.25
N GLU B 202 -0.63 4.47 -12.09
CA GLU B 202 0.19 5.59 -11.60
C GLU B 202 -0.49 6.20 -10.37
N GLY B 203 0.31 6.66 -9.43
CA GLY B 203 -0.29 7.27 -8.24
C GLY B 203 -0.70 6.30 -7.14
N ASP B 204 -0.69 5.03 -7.38
CA ASP B 204 -1.01 3.98 -6.39
C ASP B 204 0.18 3.53 -5.56
N SER B 205 1.39 3.79 -6.06
CA SER B 205 2.65 3.35 -5.51
C SER B 205 2.69 3.63 -4.01
N GLY B 206 3.37 2.72 -3.32
CA GLY B 206 3.54 2.88 -1.87
C GLY B 206 2.32 2.39 -1.11
N GLY B 207 1.21 2.13 -1.73
CA GLY B 207 0.01 1.61 -1.08
C GLY B 207 0.25 0.15 -0.69
N PRO B 208 -0.70 -0.30 0.13
CA PRO B 208 -0.69 -1.66 0.66
C PRO B 208 -1.32 -2.77 -0.16
N PHE B 209 -0.67 -3.93 -0.15
CA PHE B 209 -1.29 -5.16 -0.74
C PHE B 209 -1.61 -5.95 0.55
N VAL B 210 -2.86 -6.16 0.92
CA VAL B 210 -3.15 -6.74 2.27
C VAL B 210 -3.89 -8.03 2.06
N MET B 211 -3.78 -8.90 3.07
CA MET B 211 -4.61 -10.12 2.99
C MET B 211 -5.28 -10.30 4.36
N LYS B 212 -6.39 -10.95 4.41
CA LYS B 212 -7.07 -11.13 5.71
C LYS B 212 -6.81 -12.57 6.18
N SER B 213 -6.10 -12.73 7.28
CA SER B 213 -5.87 -14.10 7.75
C SER B 213 -7.17 -14.83 8.13
N PRO B 214 -7.22 -16.08 7.67
CA PRO B 214 -8.38 -16.91 7.97
C PRO B 214 -8.23 -17.53 9.36
N PHE B 215 -7.11 -17.34 10.04
CA PHE B 215 -6.86 -17.96 11.35
C PHE B 215 -7.26 -17.05 12.52
N ASN B 216 -6.92 -15.77 12.33
CA ASN B 216 -7.20 -14.84 13.43
C ASN B 216 -8.05 -13.64 13.01
N ASN B 217 -8.56 -13.66 11.81
CA ASN B 217 -9.40 -12.63 11.18
C ASN B 217 -8.81 -11.23 11.17
N ARG B 218 -7.49 -11.14 11.15
CA ARG B 218 -6.71 -9.92 11.09
C ARG B 218 -6.27 -9.61 9.65
N TRP B 219 -6.00 -8.35 9.38
CA TRP B 219 -5.56 -7.93 8.02
C TRP B 219 -4.04 -7.79 8.09
N TYR B 220 -3.36 -8.44 7.19
CA TYR B 220 -1.89 -8.32 7.12
C TYR B 220 -1.42 -7.65 5.82
N GLN B 221 -0.43 -6.79 5.93
CA GLN B 221 0.14 -6.14 4.73
C GLN B 221 1.28 -7.03 4.22
N MET B 222 1.04 -7.72 3.13
CA MET B 222 2.04 -8.61 2.51
C MET B 222 2.93 -7.91 1.51
N GLY B 223 2.35 -6.96 0.77
CA GLY B 223 3.07 -6.24 -0.28
C GLY B 223 2.93 -4.74 -0.31
N ILE B 224 3.83 -4.09 -1.05
CA ILE B 224 3.78 -2.63 -1.25
C ILE B 224 3.65 -2.40 -2.78
N VAL B 225 2.71 -1.58 -3.22
CA VAL B 225 2.65 -1.23 -4.66
C VAL B 225 4.03 -0.74 -5.13
N SER B 226 4.67 -1.47 -6.07
CA SER B 226 6.01 -1.05 -6.51
C SER B 226 6.17 -0.62 -7.95
N TRP B 227 6.00 -1.52 -8.92
CA TRP B 227 6.26 -1.18 -10.33
C TRP B 227 5.47 -2.11 -11.24
N GLY B 228 5.50 -1.70 -12.52
CA GLY B 228 4.79 -2.52 -13.54
C GLY B 228 5.03 -1.85 -14.90
N GLU B 229 4.35 -2.34 -15.92
CA GLU B 229 4.60 -1.67 -17.24
C GLU B 229 3.27 -1.36 -17.89
N GLY B 230 2.81 -0.13 -17.77
CA GLY B 230 1.44 0.18 -18.26
C GLY B 230 0.50 -0.26 -17.12
N CYS B 231 -0.79 -0.19 -17.32
CA CYS B 231 -1.76 -0.55 -16.28
C CYS B 231 -2.76 -1.54 -16.88
N ASP B 232 -3.01 -2.63 -16.22
CA ASP B 232 -4.04 -3.59 -16.66
C ASP B 232 -3.84 -4.06 -18.12
N ARG B 233 -2.59 -4.32 -18.48
CA ARG B 233 -2.24 -4.83 -19.83
C ARG B 233 -2.46 -6.34 -19.87
N ASP B 234 -2.96 -6.92 -20.95
CA ASP B 234 -3.08 -8.39 -20.97
C ASP B 234 -1.65 -8.95 -21.00
N GLY B 235 -1.47 -10.03 -20.29
CA GLY B 235 -0.22 -10.77 -20.17
C GLY B 235 0.78 -10.04 -19.30
N LYS B 236 0.39 -8.97 -18.62
CA LYS B 236 1.36 -8.26 -17.76
C LYS B 236 0.79 -8.27 -16.33
N TYR B 237 1.61 -7.92 -15.36
CA TYR B 237 1.30 -8.08 -13.95
C TYR B 237 1.95 -6.98 -13.13
N GLY B 238 1.29 -6.71 -12.02
CA GLY B 238 1.82 -5.62 -11.15
C GLY B 238 2.82 -6.35 -10.23
N PHE B 239 3.78 -5.58 -9.80
CA PHE B 239 4.86 -6.09 -8.96
C PHE B 239 4.84 -5.33 -7.65
N TYR B 240 5.07 -6.11 -6.59
CA TYR B 240 4.99 -5.52 -5.25
C TYR B 240 6.22 -5.83 -4.41
N THR B 241 6.60 -4.95 -3.51
CA THR B 241 7.67 -5.33 -2.58
C THR B 241 7.13 -6.42 -1.63
N HIS B 242 8.00 -7.35 -1.31
CA HIS B 242 7.74 -8.51 -0.43
C HIS B 242 8.04 -8.11 1.02
N VAL B 243 6.97 -7.72 1.69
CA VAL B 243 7.11 -7.12 3.03
C VAL B 243 7.81 -8.07 3.99
N PHE B 244 7.36 -9.29 4.12
CA PHE B 244 7.96 -10.26 5.05
C PHE B 244 9.46 -10.42 4.85
N ARG B 245 9.94 -10.52 3.61
CA ARG B 245 11.39 -10.66 3.34
C ARG B 245 12.15 -9.46 3.87
N LEU B 246 11.52 -8.32 4.05
CA LEU B 246 12.25 -7.13 4.52
C LEU B 246 11.94 -6.74 5.96
N LYS B 247 11.21 -7.54 6.68
CA LYS B 247 10.71 -7.30 8.04
C LYS B 247 11.78 -7.09 9.10
N LYS B 248 12.86 -7.79 8.89
CA LYS B 248 14.10 -7.70 9.67
C LYS B 248 14.54 -6.23 9.65
N TRP B 249 14.68 -5.68 8.45
CA TRP B 249 15.09 -4.27 8.30
C TRP B 249 14.07 -3.33 8.96
N ILE B 250 12.78 -3.68 8.83
CA ILE B 250 11.70 -2.87 9.44
C ILE B 250 11.89 -2.79 10.96
N GLN B 251 12.03 -3.91 11.62
CA GLN B 251 12.22 -4.03 13.07
C GLN B 251 13.47 -3.30 13.54
N LYS B 252 14.51 -3.57 12.77
CA LYS B 252 15.81 -2.96 13.00
C LYS B 252 15.61 -1.45 13.12
N VAL B 253 14.96 -0.80 12.17
CA VAL B 253 14.83 0.65 12.28
C VAL B 253 13.94 1.12 13.42
N ILE B 254 12.77 0.56 13.58
CA ILE B 254 11.85 1.04 14.64
C ILE B 254 12.57 0.94 15.98
N ASP B 255 13.14 -0.22 16.22
CA ASP B 255 13.89 -0.58 17.42
C ASP B 255 15.10 0.33 17.59
N GLN B 256 15.93 0.34 16.56
CA GLN B 256 17.15 1.16 16.64
C GLN B 256 16.78 2.63 16.60
N PHE B 257 15.52 3.00 16.67
CA PHE B 257 15.28 4.45 16.50
C PHE B 257 13.89 4.96 16.78
N GLY B 258 12.98 4.13 17.27
CA GLY B 258 11.62 4.63 17.48
C GLY B 258 10.58 3.67 18.04
N PHE C 5 -7.04 20.05 -5.74
CA PHE C 5 -7.10 19.74 -4.32
C PHE C 5 -7.72 20.86 -3.51
N GLU C 6 -8.70 20.53 -2.68
CA GLU C 6 -9.23 21.56 -1.76
C GLU C 6 -8.11 21.87 -0.76
N GLU C 7 -7.81 23.14 -0.58
CA GLU C 7 -6.70 23.63 0.25
C GLU C 7 -6.80 23.00 1.64
N ILE C 8 -5.65 22.92 2.29
CA ILE C 8 -5.66 22.33 3.65
C ILE C 8 -5.27 23.43 4.64
N PRO C 9 -5.66 23.24 5.89
CA PRO C 9 -5.31 24.18 6.96
C PRO C 9 -3.83 24.57 6.88
N GLU C 10 -3.65 25.86 7.12
CA GLU C 10 -2.36 26.55 7.03
C GLU C 10 -1.42 26.19 8.18
N GLU C 11 -2.08 25.76 9.24
CA GLU C 11 -1.32 25.37 10.44
C GLU C 11 -0.48 24.14 10.04
N TYS C 12 -0.96 23.40 9.05
CA TYS C 12 -0.24 22.18 8.63
CB TYS C 12 -1.15 21.24 7.80
CG TYS C 12 -2.22 20.67 8.72
CD1 TYS C 12 -1.82 20.21 9.97
CD2 TYS C 12 -3.54 20.76 8.38
CE1 TYS C 12 -2.78 19.89 10.94
CE2 TYS C 12 -4.50 20.37 9.32
CZ TYS C 12 -4.10 19.87 10.54
OH TYS C 12 -5.03 19.43 11.49
S TYS C 12 -5.62 17.96 11.19
O1 TYS C 12 -5.97 17.87 9.77
O2 TYS C 12 -4.62 17.13 11.76
O3 TYS C 12 -6.90 17.96 11.92
C TYS C 12 1.01 22.54 7.84
O TYS C 12 2.10 22.08 8.19
NA NA D . -2.54 -7.92 -16.62
NA NA E . 11.74 -12.43 -18.46
C 0IV F . 9.70 -0.89 -16.09
C1 0IV F . 10.79 -0.85 -15.08
C2 0IV F . 10.52 -1.40 -13.84
C3 0IV F . 11.45 -1.19 -12.81
C4 0IV F . 12.53 -0.32 -12.94
C5 0IV F . 12.73 0.29 -14.18
C6 0IV F . 11.92 -0.06 -15.25
S 0IV F . 8.87 0.67 -16.41
O1S 0IV F . 7.79 0.29 -17.24
O2S 0IV F . 9.78 1.74 -16.68
N 0IV F . 8.19 1.24 -15.02
CA 0IV F . 8.92 1.93 -14.03
CB 0IV F . 9.51 3.26 -14.37
CG 0IV F . 10.20 3.90 -13.21
CD 0IV F . 9.59 3.77 -11.84
C7 0IV F . 8.07 2.01 -12.75
O 0IV F . 7.19 1.16 -12.68
N1 0IV F . 8.56 2.71 -11.76
CA1 0IV F . 7.83 2.35 -10.54
C8 0IV F . 6.48 3.06 -10.96
O1 0IV F . 6.43 4.13 -11.63
C21 0IV F . 1.79 1.78 -13.20
C31 0IV F . 2.60 0.36 -13.52
N2 0IV F . 5.34 2.70 -10.16
CA2 0IV F . 4.04 3.26 -10.18
C9 0IV F . 3.87 4.43 -9.37
O2 0IV F . 2.81 5.08 -8.80
CB1 0IV F . 3.15 2.19 -9.89
CZ 0IV F . 1.67 -1.68 -12.21
NE 0IV F . 2.54 -0.61 -12.23
C11 0IV F . 2.72 2.56 -12.04
CG1 0IV F . 2.37 1.55 -10.92
CD1 0IV F . 3.01 0.14 -11.14
NH1 0IV F . 1.26 -2.17 -11.07
NH2 0IV F . 1.18 -2.18 -13.24
#